data_1G0Y
#
_entry.id   1G0Y
#
_cell.length_a   95.898
_cell.length_b   95.898
_cell.length_c   208.017
_cell.angle_alpha   90.00
_cell.angle_beta   90.00
_cell.angle_gamma   120.00
#
_symmetry.space_group_name_H-M   'P 65 2 2'
#
loop_
_entity.id
_entity.type
_entity.pdbx_description
1 polymer 'INTERLEUKIN-1 RECEPTOR, TYPE I'
2 polymer 'ANTAGONIST PEPTIDE AF10847'
#
loop_
_entity_poly.entity_id
_entity_poly.type
_entity_poly.pdbx_seq_one_letter_code
_entity_poly.pdbx_strand_id
1 'polypeptide(L)'
;DKCKEREEKIILVSSANEIDVRPCPLNPNEHKGTITWYKDDSKTPVSTEQASRIHQHKEKLWFVPAKVEDSGHYYCVVRN
SSYCLRIKISAKFVENEPNLCYNAQAIFKQKLPVAGDGGLVCPYMEFFKNENNELPKLQWYKDCKPLLLDNIHFSGVKDR
LIVMNVAEKHRGNYTCHASYTYLGKQYPITRVIEFITLEENKPTRPVIVSPANETMEVDLGSQIQLICNVTGQLSDIAYW
KWNGSVIDEDDPVLGEDYYSVENPANKRRSTLITVLNISEIESRFYKHPFTCFAKNTHGIDAAYIQLIYPVT
;
R
2 'polypeptide(L)' ETPFTWEESNAYYWQPYALPL I
#
# COMPACT_ATOMS: atom_id res chain seq x y z
N CYS A 3 -3.93 -15.74 -19.40
CA CYS A 3 -3.69 -15.91 -17.94
C CYS A 3 -4.33 -14.79 -17.11
N LYS A 4 -4.85 -13.78 -17.80
CA LYS A 4 -5.51 -12.63 -17.16
C LYS A 4 -4.55 -11.76 -16.34
N GLU A 5 -4.24 -10.59 -16.87
CA GLU A 5 -3.34 -9.66 -16.21
C GLU A 5 -4.05 -8.65 -15.31
N ARG A 6 -3.32 -8.12 -14.34
CA ARG A 6 -3.82 -7.12 -13.40
C ARG A 6 -2.63 -6.23 -13.07
N GLU A 7 -2.76 -4.92 -13.24
CA GLU A 7 -1.65 -4.03 -12.94
C GLU A 7 -1.93 -3.06 -11.81
N GLU A 8 -0.93 -2.86 -10.96
CA GLU A 8 -1.04 -1.91 -9.85
C GLU A 8 -0.37 -0.63 -10.33
N LYS A 9 -1.19 0.30 -10.81
CA LYS A 9 -0.69 1.59 -11.32
C LYS A 9 0.19 2.42 -10.37
N ILE A 10 0.00 2.26 -9.07
CA ILE A 10 0.78 3.00 -8.08
C ILE A 10 2.18 2.43 -7.91
N ILE A 11 3.17 3.31 -7.91
CA ILE A 11 4.54 2.88 -7.73
C ILE A 11 4.91 3.03 -6.27
N LEU A 12 5.71 2.09 -5.79
CA LEU A 12 6.16 2.12 -4.41
C LEU A 12 7.65 2.48 -4.40
N VAL A 13 7.92 3.76 -4.19
CA VAL A 13 9.29 4.26 -4.14
C VAL A 13 9.91 3.91 -2.80
N SER A 14 11.18 3.49 -2.86
CA SER A 14 11.94 3.08 -1.69
C SER A 14 13.43 3.37 -1.91
N SER A 15 14.13 3.67 -0.82
CA SER A 15 15.55 3.96 -0.91
C SER A 15 16.37 2.77 -1.43
N ALA A 16 17.39 3.11 -2.22
CA ALA A 16 18.31 2.14 -2.79
C ALA A 16 19.44 1.84 -1.81
N ASN A 17 20.19 0.78 -2.09
CA ASN A 17 21.30 0.33 -1.26
C ASN A 17 20.82 -0.17 0.11
N GLU A 18 19.58 -0.67 0.14
CA GLU A 18 18.97 -1.21 1.36
C GLU A 18 18.38 -2.56 1.05
N ILE A 19 17.78 -3.19 2.05
CA ILE A 19 17.13 -4.48 1.84
C ILE A 19 15.69 -4.12 1.61
N ASP A 20 15.03 -4.85 0.72
CA ASP A 20 13.63 -4.60 0.49
C ASP A 20 12.91 -5.86 0.05
N VAL A 21 11.62 -5.87 0.33
CA VAL A 21 10.75 -6.98 -0.01
C VAL A 21 9.63 -6.41 -0.82
N ARG A 22 8.90 -7.28 -1.48
CA ARG A 22 7.76 -6.89 -2.27
C ARG A 22 6.90 -8.15 -2.31
N PRO A 23 5.83 -8.17 -1.51
CA PRO A 23 4.91 -9.30 -1.44
C PRO A 23 3.92 -9.17 -2.57
N CYS A 24 3.20 -10.25 -2.85
CA CYS A 24 2.22 -10.20 -3.91
C CYS A 24 0.91 -9.56 -3.45
N PRO A 25 0.57 -8.38 -4.00
CA PRO A 25 -0.67 -7.71 -3.61
C PRO A 25 -1.86 -8.58 -4.01
N LEU A 26 -2.17 -9.57 -3.17
CA LEU A 26 -3.26 -10.51 -3.43
C LEU A 26 -4.56 -10.24 -2.69
N ASN A 27 -5.61 -10.94 -3.14
CA ASN A 27 -6.96 -10.84 -2.59
C ASN A 27 -7.45 -12.19 -2.02
N PRO A 28 -8.68 -12.24 -1.48
CA PRO A 28 -9.31 -13.43 -0.89
C PRO A 28 -9.40 -14.73 -1.73
N ASN A 29 -10.37 -14.78 -2.65
CA ASN A 29 -10.60 -15.97 -3.49
C ASN A 29 -9.43 -16.36 -4.40
N GLU A 30 -8.38 -15.53 -4.43
CA GLU A 30 -7.23 -15.80 -5.28
C GLU A 30 -5.96 -16.26 -4.55
N HIS A 31 -5.82 -15.89 -3.28
CA HIS A 31 -4.66 -16.27 -2.47
C HIS A 31 -4.61 -17.79 -2.32
N LYS A 32 -4.12 -18.47 -3.34
CA LYS A 32 -4.03 -19.93 -3.34
C LYS A 32 -2.62 -20.42 -3.63
N GLY A 33 -2.47 -21.74 -3.73
CA GLY A 33 -1.18 -22.35 -3.98
C GLY A 33 -0.39 -21.87 -5.19
N THR A 34 0.92 -21.74 -4.99
CA THR A 34 1.86 -21.32 -6.03
C THR A 34 1.86 -19.83 -6.38
N ILE A 35 2.99 -19.18 -6.12
CA ILE A 35 3.24 -17.76 -6.39
C ILE A 35 4.61 -17.67 -7.05
N THR A 36 4.73 -16.94 -8.16
CA THR A 36 6.00 -16.82 -8.87
C THR A 36 6.32 -15.40 -9.36
N TRP A 37 7.59 -15.01 -9.21
CA TRP A 37 8.04 -13.68 -9.60
C TRP A 37 8.97 -13.60 -10.82
N TYR A 38 8.96 -12.45 -11.51
CA TYR A 38 9.78 -12.19 -12.71
C TYR A 38 10.19 -10.72 -12.83
N LYS A 39 11.12 -10.43 -13.74
CA LYS A 39 11.59 -9.05 -14.03
C LYS A 39 10.69 -8.53 -15.18
N ASP A 40 10.97 -7.35 -15.75
CA ASP A 40 10.11 -6.86 -16.84
C ASP A 40 9.98 -7.95 -17.88
N ASP A 41 8.75 -8.10 -18.40
CA ASP A 41 8.36 -9.12 -19.38
C ASP A 41 8.55 -10.56 -18.88
N SER A 42 7.94 -11.52 -19.60
CA SER A 42 8.02 -12.93 -19.23
C SER A 42 9.33 -13.56 -19.67
N LYS A 43 9.95 -14.32 -18.77
CA LYS A 43 11.21 -15.00 -19.03
C LYS A 43 11.37 -16.13 -18.01
N THR A 44 12.58 -16.26 -17.45
CA THR A 44 12.87 -17.23 -16.41
C THR A 44 12.60 -16.46 -15.11
N PRO A 45 11.87 -17.06 -14.16
CA PRO A 45 11.54 -16.44 -12.88
C PRO A 45 12.73 -16.08 -12.01
N VAL A 46 12.59 -15.00 -11.22
CA VAL A 46 13.66 -14.54 -10.33
C VAL A 46 14.16 -15.76 -9.56
N SER A 47 15.48 -15.92 -9.53
CA SER A 47 16.08 -17.06 -8.87
C SER A 47 15.68 -17.23 -7.42
N THR A 48 15.40 -18.47 -7.03
CA THR A 48 15.05 -18.78 -5.65
C THR A 48 16.34 -19.05 -4.92
N GLU A 49 17.44 -19.10 -5.68
CA GLU A 49 18.78 -19.33 -5.15
C GLU A 49 18.92 -18.33 -4.02
N GLN A 50 19.01 -18.84 -2.79
CA GLN A 50 19.07 -17.96 -1.62
C GLN A 50 20.18 -16.93 -1.58
N ALA A 51 21.23 -17.14 -2.37
CA ALA A 51 22.33 -16.18 -2.44
C ALA A 51 21.83 -14.98 -3.25
N SER A 52 22.23 -14.91 -4.52
CA SER A 52 21.85 -13.86 -5.48
C SER A 52 21.09 -12.63 -4.98
N ARG A 53 21.59 -11.45 -5.35
CA ARG A 53 20.99 -10.15 -4.98
C ARG A 53 19.47 -10.12 -4.99
N ILE A 54 18.88 -10.44 -6.13
CA ILE A 54 17.43 -10.46 -6.28
C ILE A 54 16.99 -11.92 -6.33
N HIS A 55 16.25 -12.33 -5.30
CA HIS A 55 15.78 -13.69 -5.23
C HIS A 55 14.44 -13.72 -4.51
N GLN A 56 13.65 -14.74 -4.84
CA GLN A 56 12.35 -14.95 -4.23
C GLN A 56 12.53 -15.86 -3.03
N HIS A 57 11.71 -15.69 -2.01
CA HIS A 57 11.80 -16.52 -0.83
C HIS A 57 10.53 -16.35 -0.02
N LYS A 58 9.95 -17.46 0.43
CA LYS A 58 8.71 -17.45 1.21
C LYS A 58 7.62 -16.63 0.51
N GLU A 59 7.49 -16.86 -0.79
CA GLU A 59 6.50 -16.20 -1.65
C GLU A 59 6.65 -14.68 -1.87
N LYS A 60 7.80 -14.14 -1.47
CA LYS A 60 8.06 -12.72 -1.63
C LYS A 60 9.26 -12.50 -2.54
N LEU A 61 9.44 -11.25 -2.96
CA LEU A 61 10.53 -10.86 -3.84
C LEU A 61 11.50 -10.10 -2.97
N TRP A 62 12.71 -10.64 -2.83
CA TRP A 62 13.71 -9.99 -1.99
C TRP A 62 14.85 -9.35 -2.76
N PHE A 63 15.03 -8.04 -2.54
CA PHE A 63 16.08 -7.24 -3.16
C PHE A 63 17.07 -7.07 -2.02
N VAL A 64 18.12 -7.90 -1.96
CA VAL A 64 19.05 -7.74 -0.86
C VAL A 64 19.73 -6.35 -0.83
N PRO A 65 20.65 -6.06 -1.76
CA PRO A 65 21.23 -4.71 -1.64
C PRO A 65 20.37 -3.67 -2.36
N ALA A 66 19.34 -4.14 -3.06
CA ALA A 66 18.43 -3.27 -3.83
C ALA A 66 19.11 -2.05 -4.45
N LYS A 67 19.67 -2.21 -5.65
CA LYS A 67 20.34 -1.12 -6.34
C LYS A 67 19.32 -0.25 -7.09
N VAL A 68 19.81 0.81 -7.71
CA VAL A 68 18.98 1.77 -8.48
C VAL A 68 18.55 1.19 -9.83
N GLU A 69 19.43 0.38 -10.43
CA GLU A 69 19.20 -0.27 -11.72
C GLU A 69 18.13 -1.39 -11.63
N ASP A 70 17.48 -1.48 -10.48
CA ASP A 70 16.43 -2.48 -10.22
C ASP A 70 15.03 -1.88 -10.36
N SER A 71 14.96 -0.59 -10.63
CA SER A 71 13.71 0.14 -10.79
C SER A 71 12.90 -0.31 -12.02
N GLY A 72 11.66 -0.72 -11.81
CA GLY A 72 10.85 -1.16 -12.95
C GLY A 72 9.60 -1.95 -12.64
N HIS A 73 9.17 -2.78 -13.60
CA HIS A 73 7.97 -3.60 -13.45
C HIS A 73 8.34 -5.04 -13.13
N TYR A 74 7.66 -5.60 -12.11
CA TYR A 74 7.88 -6.98 -11.71
C TYR A 74 6.54 -7.64 -11.81
N TYR A 75 6.54 -8.94 -12.08
CA TYR A 75 5.30 -9.67 -12.24
C TYR A 75 5.15 -10.81 -11.27
N CYS A 76 3.94 -10.94 -10.74
CA CYS A 76 3.61 -11.98 -9.78
C CYS A 76 2.52 -12.91 -10.33
N VAL A 77 2.77 -14.23 -10.31
CA VAL A 77 1.81 -15.19 -10.85
C VAL A 77 1.27 -16.22 -9.88
N VAL A 78 -0.04 -16.44 -9.92
CA VAL A 78 -0.69 -17.42 -9.06
C VAL A 78 -1.22 -18.57 -9.91
N ARG A 79 -0.49 -19.68 -10.02
CA ARG A 79 -0.96 -20.80 -10.82
C ARG A 79 -1.42 -21.96 -9.94
N ASN A 80 -2.69 -21.92 -9.56
CA ASN A 80 -3.30 -22.94 -8.72
C ASN A 80 -3.34 -24.29 -9.43
N SER A 81 -4.24 -24.41 -10.42
CA SER A 81 -4.41 -25.64 -11.20
C SER A 81 -5.41 -25.36 -12.32
N SER A 82 -6.46 -24.63 -11.95
CA SER A 82 -7.53 -24.25 -12.87
C SER A 82 -7.38 -22.79 -13.26
N TYR A 83 -6.80 -22.00 -12.37
CA TYR A 83 -6.60 -20.58 -12.61
C TYR A 83 -5.16 -20.10 -12.42
N CYS A 84 -4.86 -18.95 -13.01
CA CYS A 84 -3.55 -18.31 -12.93
C CYS A 84 -3.76 -16.80 -12.99
N LEU A 85 -2.91 -16.06 -12.27
CA LEU A 85 -3.06 -14.61 -12.24
C LEU A 85 -1.71 -13.90 -12.23
N ARG A 86 -1.43 -13.11 -13.27
CA ARG A 86 -0.19 -12.36 -13.35
C ARG A 86 -0.44 -10.92 -12.90
N ILE A 87 0.43 -10.40 -12.03
CA ILE A 87 0.29 -9.02 -11.52
C ILE A 87 1.56 -8.18 -11.74
N LYS A 88 1.37 -7.04 -12.40
CA LYS A 88 2.44 -6.06 -12.71
C LYS A 88 2.45 -5.10 -11.53
N ILE A 89 3.62 -4.75 -10.99
CA ILE A 89 3.63 -3.85 -9.82
C ILE A 89 4.31 -2.48 -9.86
N SER A 90 5.44 -2.36 -10.57
CA SER A 90 6.20 -1.10 -10.64
C SER A 90 6.84 -0.77 -9.29
N ALA A 91 8.17 -0.65 -9.29
CA ALA A 91 8.92 -0.40 -8.07
C ALA A 91 10.14 0.50 -8.36
N LYS A 92 10.25 1.61 -7.64
CA LYS A 92 11.37 2.53 -7.82
C LYS A 92 12.32 2.58 -6.63
N PHE A 93 13.61 2.59 -6.92
CA PHE A 93 14.64 2.65 -5.90
C PHE A 93 15.48 3.92 -6.10
N VAL A 94 15.40 4.83 -5.14
CA VAL A 94 16.10 6.11 -5.23
C VAL A 94 17.16 6.39 -4.17
N GLU A 95 18.25 7.01 -4.62
CA GLU A 95 19.34 7.42 -3.75
C GLU A 95 18.99 8.79 -3.17
N ASN A 96 19.50 9.10 -1.99
CA ASN A 96 19.18 10.37 -1.34
C ASN A 96 19.67 11.61 -2.10
N GLU A 97 18.87 12.66 -2.03
CA GLU A 97 19.19 13.93 -2.67
C GLU A 97 20.47 14.44 -2.01
N PRO A 98 21.25 15.29 -2.72
CA PRO A 98 22.49 15.82 -2.14
C PRO A 98 22.18 16.59 -0.83
N ASN A 99 22.98 16.29 0.20
CA ASN A 99 22.87 16.91 1.52
C ASN A 99 21.62 16.57 2.30
N LEU A 100 21.16 15.34 2.15
CA LEU A 100 19.99 14.84 2.88
C LEU A 100 20.14 13.36 3.11
N CYS A 101 19.57 12.92 4.22
CA CYS A 101 19.63 11.52 4.61
C CYS A 101 18.42 10.78 4.01
N TYR A 102 17.79 11.41 3.02
CA TYR A 102 16.64 10.86 2.31
C TYR A 102 16.36 11.56 0.99
N ASN A 103 15.51 10.92 0.18
CA ASN A 103 15.08 11.41 -1.13
C ASN A 103 13.57 11.64 -1.00
N ALA A 104 13.13 12.83 -1.37
CA ALA A 104 11.71 13.22 -1.28
C ALA A 104 10.70 12.25 -1.85
N GLN A 105 11.06 11.53 -2.91
CA GLN A 105 10.15 10.57 -3.54
C GLN A 105 9.68 9.40 -2.68
N ALA A 106 10.49 9.01 -1.70
CA ALA A 106 10.19 7.87 -0.84
C ALA A 106 9.56 8.23 0.51
N ILE A 107 9.24 9.50 0.71
CA ILE A 107 8.66 9.89 1.98
C ILE A 107 7.14 9.72 2.04
N PHE A 108 6.70 8.89 2.99
CA PHE A 108 5.29 8.57 3.24
C PHE A 108 4.53 9.63 4.01
N LYS A 109 3.20 9.54 3.95
CA LYS A 109 2.32 10.45 4.67
C LYS A 109 1.04 9.67 5.02
N GLN A 110 0.67 9.64 6.31
CA GLN A 110 -0.54 8.94 6.78
C GLN A 110 -1.85 9.56 6.31
N LYS A 111 -2.76 8.73 5.81
CA LYS A 111 -4.06 9.19 5.32
C LYS A 111 -5.08 9.17 6.44
N LEU A 112 -4.78 8.36 7.45
CA LEU A 112 -5.66 8.20 8.61
C LEU A 112 -4.74 8.15 9.85
N PRO A 113 -4.93 9.10 10.77
CA PRO A 113 -4.15 9.22 12.01
C PRO A 113 -4.56 8.24 13.12
N VAL A 114 -3.71 8.13 14.15
CA VAL A 114 -3.97 7.27 15.32
C VAL A 114 -4.03 8.12 16.60
N ALA A 115 -4.44 7.51 17.70
CA ALA A 115 -4.57 8.22 18.98
C ALA A 115 -3.24 8.68 19.59
N GLY A 116 -3.22 9.92 20.09
CA GLY A 116 -2.03 10.47 20.71
C GLY A 116 -1.43 11.66 19.95
N ASP A 117 -0.55 12.42 20.60
CA ASP A 117 0.11 13.57 19.98
C ASP A 117 1.15 13.07 18.98
N GLY A 118 1.49 11.79 19.08
CA GLY A 118 2.45 11.18 18.18
C GLY A 118 1.76 10.09 17.39
N GLY A 119 2.34 8.89 17.42
CA GLY A 119 1.75 7.76 16.70
C GLY A 119 2.43 7.36 15.42
N LEU A 120 3.64 7.87 15.17
CA LEU A 120 4.40 7.53 13.97
C LEU A 120 4.60 6.04 13.94
N VAL A 121 4.22 5.39 12.84
CA VAL A 121 4.41 3.95 12.73
C VAL A 121 5.31 3.66 11.53
N CYS A 122 6.47 3.07 11.79
CA CYS A 122 7.41 2.72 10.72
C CYS A 122 6.66 1.75 9.82
N PRO A 123 6.22 2.22 8.64
CA PRO A 123 5.48 1.38 7.72
C PRO A 123 6.34 0.36 7.01
N TYR A 124 5.69 -0.71 6.59
CA TYR A 124 6.35 -1.75 5.84
C TYR A 124 7.49 -2.52 6.54
N MET A 125 7.34 -2.81 7.82
CA MET A 125 8.37 -3.56 8.55
C MET A 125 7.90 -4.96 8.87
N GLU A 126 6.65 -5.27 8.51
CA GLU A 126 6.04 -6.57 8.78
C GLU A 126 6.90 -7.76 8.42
N PHE A 127 7.43 -7.76 7.20
CA PHE A 127 8.24 -8.87 6.74
C PHE A 127 9.65 -8.92 7.31
N PHE A 128 10.00 -7.88 8.06
CA PHE A 128 11.30 -7.79 8.70
C PHE A 128 11.15 -8.17 10.16
N LYS A 129 9.89 -8.38 10.56
CA LYS A 129 9.52 -8.79 11.91
C LYS A 129 10.10 -10.21 12.05
N ASN A 130 10.49 -10.78 10.91
CA ASN A 130 11.07 -12.12 10.83
C ASN A 130 12.44 -12.25 11.48
N GLU A 131 12.81 -11.27 12.31
CA GLU A 131 14.08 -11.28 13.04
C GLU A 131 13.87 -12.10 14.31
N ASN A 132 13.49 -13.36 14.12
CA ASN A 132 13.21 -14.30 15.20
C ASN A 132 11.94 -13.87 15.94
N ASN A 133 10.88 -13.76 15.15
CA ASN A 133 9.53 -13.39 15.59
C ASN A 133 9.29 -11.99 16.12
N GLU A 134 10.33 -11.32 16.63
CA GLU A 134 10.15 -9.97 17.14
C GLU A 134 10.75 -8.95 16.18
N LEU A 135 10.12 -7.77 16.11
CA LEU A 135 10.60 -6.70 15.24
C LEU A 135 11.86 -6.11 15.84
N PRO A 136 12.92 -5.96 15.02
CA PRO A 136 14.19 -5.39 15.49
C PRO A 136 14.05 -3.99 16.07
N LYS A 137 14.92 -3.68 17.03
CA LYS A 137 14.95 -2.38 17.71
C LYS A 137 15.05 -1.27 16.68
N LEU A 138 14.07 -0.39 16.68
CA LEU A 138 14.03 0.72 15.75
C LEU A 138 14.68 1.97 16.30
N GLN A 139 15.70 2.45 15.59
CA GLN A 139 16.39 3.67 15.97
C GLN A 139 15.59 4.75 15.22
N TRP A 140 15.38 5.93 15.82
CA TRP A 140 14.59 6.98 15.17
C TRP A 140 15.32 8.31 14.96
N TYR A 141 14.84 9.08 13.97
CA TYR A 141 15.43 10.39 13.62
C TYR A 141 14.36 11.42 13.29
N LYS A 142 14.78 12.68 13.27
CA LYS A 142 13.94 13.81 12.89
C LYS A 142 14.83 14.75 12.10
N ASP A 143 14.40 15.12 10.90
CA ASP A 143 15.18 16.03 10.03
C ASP A 143 16.63 15.61 9.95
N CYS A 144 16.84 14.29 9.98
CA CYS A 144 18.17 13.70 9.88
C CYS A 144 18.98 13.60 11.18
N LYS A 145 18.58 14.33 12.22
CA LYS A 145 19.27 14.30 13.51
C LYS A 145 18.70 13.17 14.41
N PRO A 146 19.58 12.43 15.11
CA PRO A 146 19.19 11.32 16.00
C PRO A 146 18.20 11.67 17.13
N LEU A 147 17.33 10.72 17.49
CA LEU A 147 16.34 10.91 18.56
C LEU A 147 16.56 10.03 19.80
N LEU A 148 16.63 10.70 20.94
CA LEU A 148 16.83 10.01 22.21
C LEU A 148 15.48 9.55 22.74
N LEU A 149 15.30 8.24 22.79
CA LEU A 149 14.08 7.65 23.32
C LEU A 149 14.26 7.55 24.83
N ASP A 150 14.23 8.71 25.47
CA ASP A 150 14.40 8.81 26.92
C ASP A 150 13.07 8.70 27.66
N ASN A 151 12.00 8.65 26.89
CA ASN A 151 10.63 8.55 27.39
C ASN A 151 10.08 9.82 28.05
N ILE A 152 10.71 10.96 27.79
CA ILE A 152 10.23 12.25 28.30
C ILE A 152 10.00 13.24 27.15
N HIS A 153 10.63 12.97 26.01
CA HIS A 153 10.48 13.80 24.81
C HIS A 153 9.90 12.94 23.71
N PHE A 154 10.40 11.71 23.64
CA PHE A 154 10.01 10.70 22.66
C PHE A 154 10.12 9.33 23.35
N SER A 155 9.42 8.33 22.82
CA SER A 155 9.46 6.98 23.37
C SER A 155 9.36 5.95 22.25
N GLY A 156 10.17 4.90 22.33
CA GLY A 156 10.14 3.86 21.31
C GLY A 156 9.51 2.55 21.77
N VAL A 157 8.47 2.12 21.06
CA VAL A 157 7.74 0.89 21.39
C VAL A 157 7.43 0.12 20.10
N LYS A 158 8.01 -1.06 19.94
CA LYS A 158 7.82 -1.89 18.74
C LYS A 158 8.13 -1.09 17.46
N ASP A 159 7.14 -0.94 16.59
CA ASP A 159 7.31 -0.21 15.35
C ASP A 159 6.80 1.23 15.41
N ARG A 160 6.32 1.66 16.58
CA ARG A 160 5.81 3.02 16.77
C ARG A 160 6.80 3.99 17.42
N LEU A 161 6.50 5.29 17.28
CA LEU A 161 7.29 6.37 17.87
C LEU A 161 6.32 7.38 18.48
N ILE A 162 6.21 7.36 19.81
CA ILE A 162 5.34 8.27 20.55
C ILE A 162 6.04 9.60 20.76
N VAL A 163 5.39 10.69 20.35
CA VAL A 163 5.96 12.02 20.53
C VAL A 163 5.23 12.67 21.72
N MET A 164 6.00 13.08 22.73
CA MET A 164 5.43 13.70 23.93
C MET A 164 5.05 15.16 23.69
N ASN A 165 4.00 15.60 24.41
CA ASN A 165 3.47 16.97 24.33
C ASN A 165 4.36 18.00 25.00
N VAL A 166 5.42 18.40 24.31
CA VAL A 166 6.34 19.41 24.82
C VAL A 166 5.94 20.71 24.11
N ALA A 167 6.38 21.84 24.63
CA ALA A 167 6.10 23.13 23.99
C ALA A 167 7.07 23.22 22.81
N GLU A 168 6.85 22.35 21.82
CA GLU A 168 7.70 22.24 20.65
C GLU A 168 6.95 22.13 19.33
N LYS A 169 7.65 22.48 18.26
CA LYS A 169 7.14 22.37 16.90
C LYS A 169 7.59 20.95 16.53
N HIS A 170 6.63 20.12 16.14
CA HIS A 170 6.93 18.74 15.80
C HIS A 170 7.09 18.55 14.30
N ARG A 171 6.85 19.62 13.54
CA ARG A 171 6.95 19.58 12.08
C ARG A 171 8.30 19.01 11.73
N GLY A 172 8.31 17.94 10.93
CA GLY A 172 9.56 17.33 10.52
C GLY A 172 9.43 16.08 9.65
N ASN A 173 10.55 15.60 9.12
CA ASN A 173 10.60 14.40 8.30
C ASN A 173 11.37 13.33 9.08
N TYR A 174 10.58 12.50 9.77
CA TYR A 174 11.10 11.44 10.63
C TYR A 174 11.52 10.17 9.92
N THR A 175 12.68 9.65 10.30
CA THR A 175 13.21 8.41 9.74
C THR A 175 13.24 7.28 10.77
N CYS A 176 12.78 6.10 10.39
CA CYS A 176 12.87 4.95 11.27
C CYS A 176 13.96 4.11 10.63
N HIS A 177 14.86 3.57 11.45
CA HIS A 177 15.99 2.81 10.96
C HIS A 177 16.20 1.49 11.67
N ALA A 178 16.31 0.43 10.90
CA ALA A 178 16.57 -0.90 11.44
C ALA A 178 17.71 -1.47 10.63
N SER A 179 18.35 -2.52 11.15
CA SER A 179 19.45 -3.15 10.42
C SER A 179 19.28 -4.67 10.45
N TYR A 180 18.79 -5.20 9.33
CA TYR A 180 18.53 -6.63 9.17
C TYR A 180 19.80 -7.43 8.90
N THR A 181 19.97 -8.53 9.63
CA THR A 181 21.13 -9.39 9.48
C THR A 181 20.74 -10.56 8.59
N TYR A 182 21.34 -10.62 7.40
CA TYR A 182 21.07 -11.70 6.45
C TYR A 182 22.40 -12.27 5.97
N LEU A 183 22.62 -13.56 6.21
CA LEU A 183 23.85 -14.23 5.79
C LEU A 183 25.10 -13.54 6.36
N GLY A 184 25.25 -13.56 7.69
CA GLY A 184 26.40 -12.96 8.33
C GLY A 184 26.83 -11.57 7.89
N LYS A 185 25.85 -10.73 7.55
CA LYS A 185 26.11 -9.36 7.12
C LYS A 185 24.80 -8.59 7.17
N GLN A 186 24.84 -7.40 7.75
CA GLN A 186 23.63 -6.61 7.85
C GLN A 186 23.53 -5.35 7.00
N TYR A 187 22.33 -5.12 6.49
CA TYR A 187 22.05 -3.96 5.66
C TYR A 187 20.97 -3.15 6.35
N PRO A 188 20.87 -1.86 6.01
CA PRO A 188 19.88 -0.96 6.60
C PRO A 188 18.48 -1.07 6.01
N ILE A 189 17.51 -0.53 6.75
CA ILE A 189 16.11 -0.50 6.36
C ILE A 189 15.62 0.82 6.91
N THR A 190 15.07 1.67 6.07
CA THR A 190 14.63 2.97 6.54
C THR A 190 13.32 3.39 5.96
N ARG A 191 12.59 4.17 6.74
CA ARG A 191 11.35 4.75 6.25
C ARG A 191 11.38 6.21 6.68
N VAL A 192 10.60 7.03 5.99
CA VAL A 192 10.50 8.45 6.32
C VAL A 192 9.04 8.83 6.27
N ILE A 193 8.56 9.36 7.39
CA ILE A 193 7.17 9.77 7.51
C ILE A 193 7.16 11.24 7.90
N GLU A 194 6.35 12.02 7.20
CA GLU A 194 6.19 13.46 7.44
C GLU A 194 5.07 13.66 8.48
N PHE A 195 5.41 14.35 9.57
CA PHE A 195 4.47 14.60 10.67
C PHE A 195 3.96 16.05 10.69
N ILE A 196 2.64 16.22 10.81
CA ILE A 196 2.00 17.56 10.78
C ILE A 196 1.33 18.13 12.05
N THR A 197 0.34 19.00 11.84
CA THR A 197 -0.42 19.65 12.91
C THR A 197 -1.91 19.27 12.88
N LEU A 198 -2.43 18.81 11.74
CA LEU A 198 -3.84 18.43 11.65
C LEU A 198 -4.21 17.28 12.59
N GLU A 199 -4.96 17.62 13.64
CA GLU A 199 -5.38 16.64 14.63
C GLU A 199 -6.38 17.25 15.63
N GLU A 200 -6.69 16.48 16.67
CA GLU A 200 -7.59 16.85 17.77
C GLU A 200 -9.10 16.83 17.49
N ASN A 201 -9.54 17.61 16.50
CA ASN A 201 -10.97 17.67 16.16
C ASN A 201 -11.42 16.50 15.30
N LYS A 202 -11.29 16.62 13.97
CA LYS A 202 -11.71 15.56 13.05
C LYS A 202 -11.36 15.84 11.58
N PRO A 203 -10.08 16.12 11.29
CA PRO A 203 -9.67 16.40 9.90
C PRO A 203 -9.53 15.10 9.11
N THR A 204 -10.11 14.02 9.63
CA THR A 204 -10.07 12.70 9.02
C THR A 204 -11.12 12.43 7.94
N ARG A 205 -10.69 12.49 6.69
CA ARG A 205 -11.57 12.21 5.55
C ARG A 205 -11.58 10.69 5.39
N PRO A 206 -12.56 10.15 4.66
CA PRO A 206 -12.62 8.69 4.47
C PRO A 206 -11.50 8.19 3.55
N VAL A 207 -11.08 6.95 3.78
CA VAL A 207 -10.00 6.34 3.02
C VAL A 207 -10.42 5.05 2.29
N ILE A 208 -10.39 5.10 0.96
CA ILE A 208 -10.74 3.94 0.13
C ILE A 208 -9.55 2.97 0.07
N VAL A 209 -9.68 1.84 0.75
CA VAL A 209 -8.62 0.83 0.78
C VAL A 209 -8.64 -0.14 -0.39
N SER A 210 -9.84 -0.50 -0.84
CA SER A 210 -10.03 -1.47 -1.91
C SER A 210 -9.57 -1.11 -3.31
N PRO A 211 -10.36 -0.33 -4.07
CA PRO A 211 -9.84 -0.03 -5.42
C PRO A 211 -8.56 0.76 -5.24
N ALA A 212 -7.45 0.22 -5.75
CA ALA A 212 -6.18 0.90 -5.61
C ALA A 212 -5.58 1.33 -6.95
N ASN A 213 -6.30 2.20 -7.67
CA ASN A 213 -5.83 2.70 -8.96
C ASN A 213 -5.15 1.60 -9.78
N GLU A 214 -5.94 0.59 -10.18
CA GLU A 214 -5.41 -0.56 -10.93
C GLU A 214 -6.19 -0.93 -12.20
N THR A 215 -5.60 -1.79 -13.03
CA THR A 215 -6.23 -2.25 -14.28
C THR A 215 -6.45 -3.76 -14.28
N MET A 216 -7.68 -4.18 -14.59
CA MET A 216 -8.04 -5.60 -14.66
C MET A 216 -8.39 -5.96 -16.10
N GLU A 217 -8.04 -7.17 -16.50
CA GLU A 217 -8.29 -7.65 -17.86
C GLU A 217 -9.45 -8.65 -17.83
N VAL A 218 -10.55 -8.29 -18.49
CA VAL A 218 -11.74 -9.15 -18.58
C VAL A 218 -12.30 -9.21 -20.00
N ASP A 219 -13.06 -10.27 -20.29
CA ASP A 219 -13.65 -10.46 -21.62
C ASP A 219 -15.15 -10.17 -21.76
N LEU A 220 -15.47 -9.41 -22.82
CA LEU A 220 -16.82 -8.99 -23.15
C LEU A 220 -17.97 -9.88 -22.70
N GLY A 221 -17.89 -11.17 -23.00
CA GLY A 221 -18.96 -12.07 -22.60
C GLY A 221 -19.27 -12.00 -21.11
N SER A 222 -18.31 -12.45 -20.32
CA SER A 222 -18.37 -12.53 -18.84
C SER A 222 -18.96 -11.36 -18.07
N GLN A 223 -19.16 -11.59 -16.78
CA GLN A 223 -19.72 -10.60 -15.88
C GLN A 223 -18.89 -10.59 -14.59
N ILE A 224 -18.82 -9.43 -13.93
CA ILE A 224 -18.04 -9.33 -12.68
C ILE A 224 -18.74 -8.59 -11.55
N GLN A 225 -17.97 -8.29 -10.51
CA GLN A 225 -18.46 -7.59 -9.33
C GLN A 225 -17.28 -6.77 -8.79
N LEU A 226 -17.46 -5.47 -8.61
CA LEU A 226 -16.41 -4.58 -8.12
C LEU A 226 -16.65 -4.09 -6.69
N ILE A 227 -15.82 -4.56 -5.76
CA ILE A 227 -15.94 -4.19 -4.36
C ILE A 227 -15.19 -2.94 -3.92
N CYS A 228 -15.91 -1.91 -3.53
CA CYS A 228 -15.26 -0.70 -3.05
C CYS A 228 -15.26 -0.77 -1.54
N ASN A 229 -14.08 -0.71 -0.93
CA ASN A 229 -13.95 -0.78 0.53
C ASN A 229 -13.35 0.49 1.09
N VAL A 230 -14.06 1.09 2.03
CA VAL A 230 -13.63 2.31 2.66
C VAL A 230 -13.45 2.04 4.15
N THR A 231 -12.65 2.88 4.82
CA THR A 231 -12.40 2.77 6.24
C THR A 231 -12.68 4.16 6.86
N GLY A 232 -13.87 4.33 7.40
CA GLY A 232 -14.25 5.60 7.97
C GLY A 232 -15.43 5.44 8.90
N GLN A 233 -16.05 6.56 9.26
CA GLN A 233 -17.21 6.54 10.14
C GLN A 233 -18.43 6.02 9.44
N LEU A 234 -19.39 5.49 10.20
CA LEU A 234 -20.60 4.94 9.62
C LEU A 234 -21.48 5.95 8.90
N SER A 235 -21.17 7.23 9.04
CA SER A 235 -21.93 8.28 8.37
C SER A 235 -21.34 8.67 7.01
N ASP A 236 -20.12 8.20 6.73
CA ASP A 236 -19.43 8.51 5.46
C ASP A 236 -20.18 7.82 4.33
N ILE A 237 -19.81 8.08 3.08
CA ILE A 237 -20.52 7.43 1.98
C ILE A 237 -19.65 6.89 0.83
N ALA A 238 -19.87 5.64 0.45
CA ALA A 238 -19.12 5.01 -0.63
C ALA A 238 -20.02 4.75 -1.83
N TYR A 239 -19.69 5.35 -2.96
CA TYR A 239 -20.47 5.19 -4.18
C TYR A 239 -19.63 5.17 -5.46
N TRP A 240 -20.00 4.30 -6.39
CA TRP A 240 -19.30 4.18 -7.65
C TRP A 240 -19.81 5.12 -8.72
N LYS A 241 -18.94 5.43 -9.67
CA LYS A 241 -19.26 6.31 -10.81
C LYS A 241 -18.59 5.79 -12.08
N TRP A 242 -19.08 6.26 -13.23
CA TRP A 242 -18.53 5.88 -14.53
C TRP A 242 -18.88 6.92 -15.57
N ASN A 243 -17.88 7.29 -16.36
CA ASN A 243 -18.01 8.31 -17.41
C ASN A 243 -18.52 9.61 -16.80
N GLY A 244 -18.08 9.85 -15.57
CA GLY A 244 -18.45 11.04 -14.83
C GLY A 244 -19.87 11.07 -14.32
N SER A 245 -20.46 9.90 -14.07
CA SER A 245 -21.84 9.85 -13.60
C SER A 245 -22.09 8.68 -12.67
N VAL A 246 -22.84 8.92 -11.60
CA VAL A 246 -23.17 7.86 -10.64
C VAL A 246 -24.03 6.77 -11.34
N ILE A 247 -23.89 5.54 -10.88
CA ILE A 247 -24.65 4.44 -11.46
C ILE A 247 -26.16 4.73 -11.32
N ASP A 248 -26.88 4.66 -12.43
CA ASP A 248 -28.32 4.92 -12.47
C ASP A 248 -29.04 3.96 -11.53
N GLU A 249 -30.01 4.46 -10.76
CA GLU A 249 -30.74 3.60 -9.82
C GLU A 249 -31.65 2.60 -10.53
N ASP A 250 -31.76 2.76 -11.85
CA ASP A 250 -32.58 1.87 -12.66
C ASP A 250 -31.80 1.38 -13.89
N ASP A 251 -30.47 1.40 -13.80
CA ASP A 251 -29.60 0.93 -14.87
C ASP A 251 -29.86 -0.57 -15.03
N PRO A 252 -29.93 -1.05 -16.28
CA PRO A 252 -30.17 -2.47 -16.57
C PRO A 252 -29.02 -3.44 -16.22
N VAL A 253 -27.85 -3.20 -16.79
CA VAL A 253 -26.68 -4.05 -16.55
C VAL A 253 -25.99 -3.83 -15.20
N LEU A 254 -25.81 -2.55 -14.81
CA LEU A 254 -25.16 -2.17 -13.56
C LEU A 254 -26.06 -2.06 -12.33
N GLY A 255 -25.55 -2.57 -11.20
CA GLY A 255 -26.29 -2.53 -9.95
C GLY A 255 -25.39 -2.08 -8.81
N GLU A 256 -25.94 -1.35 -7.84
CA GLU A 256 -25.13 -0.87 -6.72
C GLU A 256 -25.71 -1.14 -5.34
N ASP A 257 -25.05 -2.02 -4.59
CA ASP A 257 -25.49 -2.38 -3.23
C ASP A 257 -24.57 -1.78 -2.19
N TYR A 258 -25.16 -1.11 -1.21
CA TYR A 258 -24.41 -0.44 -0.15
C TYR A 258 -24.50 -1.15 1.19
N TYR A 259 -23.35 -1.62 1.69
CA TYR A 259 -23.24 -2.31 2.97
C TYR A 259 -22.42 -1.49 3.95
N SER A 260 -22.46 -1.90 5.22
CA SER A 260 -21.74 -1.24 6.31
C SER A 260 -21.35 -2.23 7.41
N VAL A 261 -20.05 -2.30 7.71
CA VAL A 261 -19.54 -3.19 8.75
C VAL A 261 -18.99 -2.38 9.91
N GLU A 262 -19.80 -2.27 10.95
CA GLU A 262 -19.49 -1.52 12.18
C GLU A 262 -18.28 -2.05 12.93
N ASN A 263 -17.46 -1.13 13.44
CA ASN A 263 -16.28 -1.53 14.20
C ASN A 263 -16.47 -1.27 15.71
N PRO A 264 -16.66 -2.35 16.49
CA PRO A 264 -16.84 -2.25 17.94
C PRO A 264 -15.63 -1.58 18.59
N ALA A 265 -14.43 -2.04 18.25
CA ALA A 265 -13.21 -1.48 18.81
C ALA A 265 -13.03 0.03 18.61
N ASN A 266 -13.36 0.53 17.42
CA ASN A 266 -13.22 1.96 17.11
C ASN A 266 -14.28 2.42 16.13
N LYS A 267 -15.24 3.19 16.64
CA LYS A 267 -16.33 3.72 15.83
C LYS A 267 -15.84 4.49 14.62
N ARG A 268 -14.88 5.39 14.86
CA ARG A 268 -14.30 6.23 13.80
C ARG A 268 -13.67 5.46 12.65
N ARG A 269 -13.28 4.22 12.90
CA ARG A 269 -12.61 3.43 11.89
C ARG A 269 -13.35 2.14 11.53
N SER A 270 -14.49 2.29 10.86
CA SER A 270 -15.28 1.13 10.44
C SER A 270 -15.09 0.97 8.92
N THR A 271 -15.62 -0.09 8.31
CA THR A 271 -15.49 -0.25 6.86
C THR A 271 -16.83 -0.18 6.16
N LEU A 272 -16.81 0.33 4.94
CA LEU A 272 -18.02 0.46 4.13
C LEU A 272 -17.82 -0.19 2.79
N ILE A 273 -18.73 -1.07 2.43
CA ILE A 273 -18.66 -1.77 1.16
C ILE A 273 -19.75 -1.28 0.22
N THR A 274 -19.39 -1.22 -1.05
CA THR A 274 -20.31 -0.79 -2.10
C THR A 274 -19.95 -1.65 -3.28
N VAL A 275 -20.71 -2.73 -3.48
CA VAL A 275 -20.46 -3.62 -4.61
C VAL A 275 -21.16 -3.09 -5.86
N LEU A 276 -20.40 -2.99 -6.94
CA LEU A 276 -20.96 -2.53 -8.20
C LEU A 276 -21.00 -3.79 -9.06
N ASN A 277 -22.19 -4.38 -9.16
CA ASN A 277 -22.40 -5.58 -9.94
C ASN A 277 -22.48 -5.25 -11.41
N ILE A 278 -22.06 -6.19 -12.24
CA ILE A 278 -22.08 -6.01 -13.67
C ILE A 278 -22.54 -7.33 -14.28
N SER A 279 -23.79 -7.34 -14.74
CA SER A 279 -24.40 -8.51 -15.34
C SER A 279 -23.64 -8.96 -16.58
N GLU A 280 -23.10 -8.01 -17.32
CA GLU A 280 -22.34 -8.33 -18.52
C GLU A 280 -21.43 -7.17 -18.95
N ILE A 281 -20.18 -7.50 -19.21
CA ILE A 281 -19.21 -6.50 -19.63
C ILE A 281 -19.52 -6.06 -21.06
N GLU A 282 -19.38 -4.76 -21.30
CA GLU A 282 -19.66 -4.20 -22.61
C GLU A 282 -18.49 -3.39 -23.16
N SER A 283 -18.36 -3.38 -24.49
CA SER A 283 -17.28 -2.67 -25.18
C SER A 283 -17.26 -1.16 -24.93
N ARG A 284 -18.25 -0.66 -24.18
CA ARG A 284 -18.31 0.77 -23.85
C ARG A 284 -17.60 1.00 -22.53
N PHE A 285 -17.56 -0.04 -21.71
CA PHE A 285 -16.93 -0.02 -20.40
C PHE A 285 -15.40 -0.04 -20.48
N TYR A 286 -14.88 -0.56 -21.59
CA TYR A 286 -13.42 -0.64 -21.81
C TYR A 286 -12.83 0.75 -22.09
N LYS A 287 -13.69 1.72 -22.39
CA LYS A 287 -13.26 3.09 -22.70
C LYS A 287 -12.90 3.98 -21.50
N HIS A 288 -13.59 3.80 -20.38
CA HIS A 288 -13.31 4.60 -19.18
C HIS A 288 -13.13 3.74 -17.94
N PRO A 289 -12.53 4.32 -16.90
CA PRO A 289 -12.32 3.58 -15.65
C PRO A 289 -13.51 3.71 -14.70
N PHE A 290 -13.68 2.71 -13.84
CA PHE A 290 -14.75 2.73 -12.85
C PHE A 290 -14.13 3.33 -11.61
N THR A 291 -14.79 4.30 -11.01
CA THR A 291 -14.22 4.96 -9.83
C THR A 291 -15.13 5.00 -8.58
N CYS A 292 -14.55 4.61 -7.45
CA CYS A 292 -15.27 4.65 -6.19
C CYS A 292 -15.04 6.02 -5.58
N PHE A 293 -16.01 6.48 -4.80
CA PHE A 293 -15.92 7.78 -4.13
C PHE A 293 -16.40 7.68 -2.69
N ALA A 294 -15.86 8.53 -1.83
CA ALA A 294 -16.24 8.55 -0.41
C ALA A 294 -16.16 9.96 0.17
N LYS A 295 -17.30 10.49 0.60
CA LYS A 295 -17.38 11.85 1.14
C LYS A 295 -17.69 11.89 2.65
N ASN A 296 -17.39 13.03 3.29
CA ASN A 296 -17.63 13.23 4.73
C ASN A 296 -17.60 14.70 5.17
N THR A 297 -17.61 15.62 4.21
CA THR A 297 -17.57 17.08 4.46
C THR A 297 -16.25 17.58 5.02
N HIS A 298 -15.27 16.68 5.12
CA HIS A 298 -13.94 17.01 5.60
C HIS A 298 -12.97 16.61 4.51
N GLY A 299 -13.53 16.23 3.37
CA GLY A 299 -12.73 15.82 2.26
C GLY A 299 -13.49 14.80 1.41
N ILE A 300 -12.81 14.29 0.39
CA ILE A 300 -13.36 13.31 -0.53
C ILE A 300 -12.18 12.48 -1.00
N ASP A 301 -12.32 11.16 -0.97
CA ASP A 301 -11.26 10.28 -1.43
C ASP A 301 -11.78 9.58 -2.69
N ALA A 302 -10.88 9.27 -3.63
CA ALA A 302 -11.30 8.60 -4.85
C ALA A 302 -10.21 7.64 -5.31
N ALA A 303 -10.63 6.48 -5.82
CA ALA A 303 -9.73 5.44 -6.32
C ALA A 303 -10.44 4.72 -7.46
N TYR A 304 -9.69 3.99 -8.30
CA TYR A 304 -10.33 3.33 -9.44
C TYR A 304 -9.78 1.96 -9.86
N ILE A 305 -10.46 1.39 -10.85
CA ILE A 305 -10.12 0.10 -11.45
C ILE A 305 -10.51 0.29 -12.92
N GLN A 306 -9.57 0.02 -13.82
CA GLN A 306 -9.78 0.19 -15.25
C GLN A 306 -9.89 -1.17 -15.91
N LEU A 307 -11.06 -1.47 -16.45
CA LEU A 307 -11.26 -2.76 -17.12
C LEU A 307 -10.78 -2.66 -18.56
N ILE A 308 -9.80 -3.49 -18.93
CA ILE A 308 -9.30 -3.47 -20.30
C ILE A 308 -9.45 -4.80 -21.06
N TYR A 309 -9.69 -4.67 -22.38
CA TYR A 309 -9.85 -5.78 -23.31
C TYR A 309 -8.62 -6.69 -23.21
N PRO A 310 -8.82 -8.01 -23.31
CA PRO A 310 -7.69 -8.95 -23.24
C PRO A 310 -6.79 -8.82 -24.49
N VAL A 311 -5.46 -8.91 -24.28
CA VAL A 311 -4.46 -8.79 -25.34
C VAL A 311 -4.56 -9.80 -26.52
N THR A 312 -3.82 -9.51 -27.60
CA THR A 312 -3.78 -10.35 -28.81
C THR A 312 -3.01 -11.65 -28.57
N GLU B 1 0.04 -6.03 21.92
CA GLU B 1 0.39 -5.14 20.77
C GLU B 1 -0.03 -5.71 19.42
N THR B 2 -0.56 -4.84 18.58
CA THR B 2 -1.02 -5.19 17.24
C THR B 2 -0.22 -4.38 16.21
N PRO B 3 1.01 -4.82 15.91
CA PRO B 3 1.88 -4.13 14.94
C PRO B 3 1.39 -4.15 13.49
N PHE B 4 1.67 -3.04 12.80
CA PHE B 4 1.28 -2.83 11.42
C PHE B 4 1.72 -3.90 10.41
N THR B 5 0.82 -4.24 9.51
CA THR B 5 1.09 -5.21 8.47
C THR B 5 1.35 -4.46 7.16
N TRP B 6 1.77 -5.19 6.13
CA TRP B 6 2.08 -4.61 4.84
C TRP B 6 0.83 -4.16 4.11
N GLU B 7 -0.23 -4.96 4.23
CA GLU B 7 -1.50 -4.65 3.61
C GLU B 7 -2.00 -3.36 4.25
N GLU B 8 -1.75 -3.23 5.55
CA GLU B 8 -2.12 -2.05 6.33
C GLU B 8 -1.28 -0.84 5.97
N SER B 9 -0.02 -1.06 5.62
CA SER B 9 0.85 0.04 5.26
C SER B 9 0.42 0.59 3.89
N ASN B 10 0.01 -0.30 3.00
CA ASN B 10 -0.44 0.12 1.67
C ASN B 10 -1.72 0.92 1.80
N ALA B 11 -2.62 0.41 2.63
CA ALA B 11 -3.93 1.00 2.84
C ALA B 11 -3.95 2.38 3.45
N TYR B 12 -3.13 2.60 4.48
CA TYR B 12 -3.13 3.87 5.18
C TYR B 12 -1.91 4.80 5.03
N TYR B 13 -1.16 4.62 3.93
CA TYR B 13 0.02 5.42 3.61
C TYR B 13 0.11 5.70 2.10
N TRP B 14 0.73 6.82 1.75
CA TRP B 14 0.94 7.18 0.35
C TRP B 14 2.14 8.11 0.19
N GLN B 15 2.70 8.17 -1.02
CA GLN B 15 3.87 9.02 -1.25
C GLN B 15 3.53 10.19 -2.17
N PRO B 16 3.31 11.37 -1.58
CA PRO B 16 2.97 12.60 -2.30
C PRO B 16 4.11 13.14 -3.14
N TYR B 17 5.33 12.78 -2.78
CA TYR B 17 6.47 13.29 -3.52
C TYR B 17 7.00 12.32 -4.57
N ALA B 18 6.44 11.12 -4.59
CA ALA B 18 6.83 10.09 -5.54
C ALA B 18 6.61 10.48 -7.00
N LEU B 19 7.53 10.05 -7.86
CA LEU B 19 7.45 10.34 -9.28
C LEU B 19 7.36 9.02 -10.07
N PRO B 20 6.83 9.08 -11.30
CA PRO B 20 6.65 7.93 -12.20
C PRO B 20 7.94 7.27 -12.70
N LEU B 21 7.75 6.10 -13.32
CA LEU B 21 8.87 5.35 -13.88
C LEU B 21 9.17 5.85 -15.28
#